data_2W0S
#
_entry.id   2W0S
#
_cell.length_a   58.370
_cell.length_b   78.350
_cell.length_c   95.040
_cell.angle_alpha   90.00
_cell.angle_beta   90.00
_cell.angle_gamma   90.00
#
_symmetry.space_group_name_H-M   'P 21 21 21'
#
loop_
_entity.id
_entity.type
_entity.pdbx_description
1 polymer 'THYMIDYLATE KINASE'
2 non-polymer 'MAGNESIUM ION'
3 non-polymer "(E)-5-(2-BROMOVINYL)-2'-DEOXYURIDINE-5'-MONOPHOSPHATE"
4 non-polymer 'SULFATE ION'
5 water water
#
_entity_poly.entity_id   1
_entity_poly.type   'polypeptide(L)'
_entity_poly.pdbx_seq_one_letter_code
;MSRGALIVFEGLDKSGKTTQCMNIMESIPANTIKYLNFPQRSTVTGKMIDDYLTRKKTYNDHIVNLLFCANRWEFASFIQ
EQLEQGITLIVDRYAFSGVAYAAAKGASMTLSKSYESGLPKPDLVIFLESGSKEINRNVGEEIYEDVTFQQKVLQEYKKM
IEEGDIHWQIISSEFEEDVKKELIKNIVIEAIHTVTGPVGQLWM
;
_entity_poly.pdbx_strand_id   A,B
#
# COMPACT_ATOMS: atom_id res chain seq x y z
N SER A 2 -10.12 12.20 -19.82
CA SER A 2 -10.55 11.76 -18.49
C SER A 2 -9.67 10.64 -17.98
N ARG A 3 -8.36 10.84 -18.08
CA ARG A 3 -7.39 9.92 -17.51
C ARG A 3 -7.48 9.92 -15.99
N GLY A 4 -6.65 9.06 -15.36
CA GLY A 4 -6.34 9.20 -13.96
C GLY A 4 -5.41 10.39 -13.74
N ALA A 5 -5.24 10.77 -12.48
CA ALA A 5 -4.33 11.84 -12.15
C ALA A 5 -2.99 11.27 -11.67
N LEU A 6 -1.90 11.94 -12.04
CA LEU A 6 -0.60 11.59 -11.51
C LEU A 6 -0.29 12.42 -10.29
N ILE A 7 -0.40 11.81 -9.12
CA ILE A 7 -0.16 12.52 -7.87
C ILE A 7 1.14 12.07 -7.18
N VAL A 8 2.04 13.00 -6.95
CA VAL A 8 3.32 12.67 -6.34
C VAL A 8 3.53 13.25 -4.95
N PHE A 9 3.99 12.42 -4.03
CA PHE A 9 4.35 12.86 -2.69
C PHE A 9 5.86 13.08 -2.58
N GLU A 10 6.26 14.27 -2.13
CA GLU A 10 7.68 14.58 -1.84
C GLU A 10 7.86 15.12 -0.42
N GLY A 11 9.11 15.23 0.00
CA GLY A 11 9.47 15.72 1.32
C GLY A 11 10.76 15.07 1.79
N LEU A 12 11.28 15.53 2.91
CA LEU A 12 12.48 14.92 3.50
C LEU A 12 12.16 13.51 3.99
N ASP A 13 13.19 12.80 4.44
CA ASP A 13 12.97 11.51 5.08
C ASP A 13 12.24 11.77 6.40
N LYS A 14 11.35 10.84 6.77
CA LYS A 14 10.64 10.91 8.04
C LYS A 14 9.61 12.05 8.07
N SER A 15 9.30 12.61 6.91
CA SER A 15 8.26 13.63 6.80
C SER A 15 6.90 12.99 6.78
N GLY A 16 6.89 11.64 6.83
CA GLY A 16 5.66 10.86 6.93
C GLY A 16 4.82 10.72 5.67
N LYS A 17 5.44 10.94 4.50
CA LYS A 17 4.71 10.82 3.24
C LYS A 17 4.23 9.39 2.99
N THR A 18 4.89 8.40 3.58
CA THR A 18 4.37 7.03 3.53
C THR A 18 3.00 6.89 4.27
N THR A 19 2.92 7.41 5.48
CA THR A 19 1.66 7.49 6.21
C THR A 19 0.54 8.09 5.35
N GLN A 20 0.78 9.32 4.88
CA GLN A 20 -0.21 10.03 4.08
C GLN A 20 -0.63 9.26 2.82
N CYS A 21 0.32 8.53 2.24
CA CYS A 21 0.01 7.66 1.11
C CYS A 21 -0.95 6.58 1.54
N MET A 22 -0.71 6.06 2.74
CA MET A 22 -1.61 5.09 3.32
C MET A 22 -3.03 5.62 3.48
N ASN A 23 -3.17 6.86 3.98
CA ASN A 23 -4.48 7.48 4.06
C ASN A 23 -5.21 7.49 2.70
N ILE A 24 -4.60 8.09 1.69
CA ILE A 24 -5.24 8.16 0.40
C ILE A 24 -5.70 6.76 -0.07
N MET A 25 -4.90 5.74 0.20
CA MET A 25 -5.22 4.40 -0.29
C MET A 25 -6.45 3.82 0.41
N GLU A 26 -6.66 4.26 1.63
CA GLU A 26 -7.79 3.82 2.42
C GLU A 26 -9.03 4.69 2.14
N SER A 27 -8.80 5.95 1.81
CA SER A 27 -9.86 6.91 1.56
C SER A 27 -10.53 6.81 0.17
N ILE A 28 -9.98 5.96 -0.70
CA ILE A 28 -10.45 5.91 -2.08
C ILE A 28 -10.54 4.47 -2.56
N PRO A 29 -11.55 4.17 -3.38
CA PRO A 29 -11.75 2.80 -3.84
C PRO A 29 -10.59 2.31 -4.71
N ALA A 30 -10.09 1.12 -4.36
CA ALA A 30 -8.88 0.59 -4.97
C ALA A 30 -9.02 0.17 -6.43
N ASN A 31 -10.24 0.05 -6.94
CA ASN A 31 -10.36 -0.34 -8.34
C ASN A 31 -10.00 0.83 -9.28
N THR A 32 -9.67 1.99 -8.71
CA THR A 32 -9.47 3.23 -9.48
C THR A 32 -8.14 3.90 -9.15
N ILE A 33 -7.41 3.35 -8.19
CA ILE A 33 -6.21 3.99 -7.71
C ILE A 33 -5.05 2.99 -7.55
N LYS A 34 -3.81 3.47 -7.71
CA LYS A 34 -2.64 2.58 -7.68
C LYS A 34 -1.48 3.21 -6.93
N TYR A 35 -0.94 2.48 -5.96
CA TYR A 35 0.15 3.01 -5.13
C TYR A 35 1.53 2.61 -5.67
N LEU A 36 2.40 3.61 -5.85
CA LEU A 36 3.72 3.38 -6.40
C LEU A 36 4.83 3.96 -5.52
N ASN A 37 5.65 3.13 -4.89
CA ASN A 37 6.79 3.61 -4.08
C ASN A 37 8.09 3.74 -4.91
N PHE A 38 8.84 4.81 -4.70
CA PHE A 38 10.20 4.89 -5.21
C PHE A 38 11.17 5.16 -4.07
N PRO A 39 12.34 4.50 -4.08
CA PRO A 39 12.70 3.60 -5.19
C PRO A 39 12.03 2.24 -5.07
N GLN A 40 11.95 1.59 -6.23
CA GLN A 40 11.31 0.31 -6.36
C GLN A 40 12.44 -0.68 -6.11
N ARG A 41 12.67 -1.01 -4.83
CA ARG A 41 13.87 -1.75 -4.45
C ARG A 41 13.90 -3.21 -4.90
N SER A 42 12.84 -3.65 -5.56
CA SER A 42 12.75 -5.05 -5.96
C SER A 42 13.51 -5.34 -7.26
N THR A 43 13.56 -4.35 -8.16
CA THR A 43 14.19 -4.52 -9.47
C THR A 43 15.72 -4.73 -9.44
N VAL A 44 16.32 -4.71 -10.62
CA VAL A 44 17.75 -4.93 -10.71
C VAL A 44 18.44 -3.71 -10.18
N THR A 45 17.94 -2.54 -10.59
CA THR A 45 18.51 -1.29 -10.13
C THR A 45 18.05 -1.01 -8.70
N GLY A 46 16.95 -1.65 -8.31
CA GLY A 46 16.44 -1.55 -6.95
C GLY A 46 17.36 -2.22 -5.95
N LYS A 47 17.72 -3.46 -6.22
CA LYS A 47 18.50 -4.22 -5.25
C LYS A 47 19.83 -3.54 -5.03
N MET A 48 20.34 -2.98 -6.11
CA MET A 48 21.58 -2.25 -6.04
C MET A 48 21.38 -0.98 -5.21
N ILE A 49 20.31 -0.24 -5.48
CA ILE A 49 20.01 0.92 -4.66
C ILE A 49 19.89 0.52 -3.19
N ASP A 50 19.27 -0.64 -2.93
CA ASP A 50 19.14 -1.11 -1.57
C ASP A 50 20.51 -1.30 -0.90
N ASP A 51 21.46 -1.89 -1.62
CA ASP A 51 22.79 -2.17 -1.08
C ASP A 51 23.47 -0.85 -0.68
N TYR A 52 23.25 0.18 -1.49
CA TYR A 52 23.88 1.48 -1.26
C TYR A 52 23.30 2.25 -0.07
N LEU A 53 21.97 2.21 0.07
CA LEU A 53 21.30 2.90 1.18
C LEU A 53 21.57 2.22 2.52
N THR A 54 21.71 0.89 2.49
CA THR A 54 22.01 0.10 3.68
C THR A 54 23.52 -0.09 3.95
N ARG A 55 24.34 0.69 3.26
CA ARG A 55 25.77 0.73 3.51
C ARG A 55 26.53 -0.60 3.30
N LYS A 56 26.05 -1.44 2.40
CA LYS A 56 26.77 -2.69 2.12
C LYS A 56 27.37 -2.72 0.69
N LYS A 57 27.56 -1.52 0.15
CA LYS A 57 28.18 -1.30 -1.13
C LYS A 57 28.24 0.20 -1.36
N THR A 58 29.30 0.67 -2.01
CA THR A 58 29.33 2.06 -2.44
C THR A 58 29.46 2.13 -3.96
N TYR A 59 29.21 3.30 -4.49
CA TYR A 59 29.27 3.53 -5.92
C TYR A 59 29.72 4.96 -6.13
N ASN A 60 30.18 5.28 -7.34
CA ASN A 60 30.32 6.68 -7.76
C ASN A 60 29.07 7.47 -7.49
N ASP A 61 29.26 8.75 -7.18
CA ASP A 61 28.13 9.66 -7.12
C ASP A 61 27.45 9.58 -8.49
N HIS A 62 28.28 9.39 -9.51
CA HIS A 62 27.78 9.25 -10.88
C HIS A 62 26.92 8.02 -11.08
N ILE A 63 27.21 6.97 -10.35
CA ILE A 63 26.53 5.72 -10.60
C ILE A 63 25.21 5.72 -9.87
N VAL A 64 25.18 6.35 -8.70
CA VAL A 64 23.95 6.30 -7.92
C VAL A 64 22.94 7.21 -8.57
N ASN A 65 23.37 8.39 -9.03
CA ASN A 65 22.44 9.31 -9.66
C ASN A 65 21.66 8.62 -10.76
N LEU A 66 22.36 7.80 -11.55
CA LEU A 66 21.68 7.18 -12.68
C LEU A 66 20.98 5.85 -12.35
N LEU A 67 21.38 5.22 -11.27
CA LEU A 67 20.63 4.06 -10.82
C LEU A 67 19.19 4.45 -10.47
N PHE A 68 19.06 5.57 -9.74
CA PHE A 68 17.78 6.09 -9.31
C PHE A 68 16.93 6.51 -10.49
N CYS A 69 17.55 7.21 -11.42
CA CYS A 69 16.88 7.61 -12.63
C CYS A 69 16.38 6.38 -13.40
N ALA A 70 17.31 5.51 -13.78
CA ALA A 70 16.94 4.30 -14.48
C ALA A 70 15.86 3.51 -13.74
N ASN A 71 15.95 3.51 -12.40
CA ASN A 71 14.93 2.90 -11.57
C ASN A 71 13.53 3.48 -11.86
N ARG A 72 13.48 4.76 -12.17
CA ARG A 72 12.18 5.35 -12.50
C ARG A 72 11.75 4.94 -13.92
N TRP A 73 12.64 5.09 -14.90
CA TRP A 73 12.29 4.78 -16.27
C TRP A 73 11.71 3.38 -16.52
N GLU A 74 12.14 2.36 -15.76
CA GLU A 74 11.51 1.04 -15.88
C GLU A 74 10.00 1.18 -15.86
N PHE A 75 9.52 2.16 -15.11
CA PHE A 75 8.10 2.27 -14.82
C PHE A 75 7.38 3.38 -15.57
N ALA A 76 8.11 4.15 -16.35
CA ALA A 76 7.49 5.21 -17.15
C ALA A 76 6.40 4.68 -18.12
N SER A 77 6.65 3.51 -18.72
CA SER A 77 5.63 2.87 -19.53
C SER A 77 4.38 2.57 -18.70
N PHE A 78 4.58 1.87 -17.60
CA PHE A 78 3.52 1.51 -16.69
C PHE A 78 2.70 2.71 -16.20
N ILE A 79 3.38 3.76 -15.82
CA ILE A 79 2.68 4.96 -15.37
C ILE A 79 1.73 5.46 -16.45
N GLN A 80 2.30 5.87 -17.57
CA GLN A 80 1.56 6.24 -18.75
C GLN A 80 0.33 5.34 -19.04
N GLU A 81 0.54 4.02 -19.12
CA GLU A 81 -0.56 3.08 -19.40
C GLU A 81 -1.72 3.18 -18.38
N GLN A 82 -1.38 3.22 -17.10
CA GLN A 82 -2.40 3.29 -16.07
C GLN A 82 -3.25 4.55 -16.16
N LEU A 83 -2.57 5.69 -16.27
CA LEU A 83 -3.27 6.96 -16.36
C LEU A 83 -4.24 6.94 -17.53
N GLU A 84 -3.76 6.53 -18.70
CA GLU A 84 -4.66 6.41 -19.84
C GLU A 84 -5.84 5.48 -19.56
N GLN A 85 -5.57 4.36 -18.87
CA GLN A 85 -6.62 3.41 -18.48
C GLN A 85 -7.52 3.95 -17.36
N GLY A 86 -7.35 5.22 -17.04
CA GLY A 86 -8.23 5.85 -16.07
C GLY A 86 -7.87 5.62 -14.62
N ILE A 87 -6.76 4.93 -14.35
CA ILE A 87 -6.30 4.75 -12.96
C ILE A 87 -5.47 5.94 -12.50
N THR A 88 -5.75 6.43 -11.29
CA THR A 88 -5.01 7.52 -10.70
C THR A 88 -3.80 6.98 -9.96
N LEU A 89 -2.68 7.67 -10.09
CA LEU A 89 -1.42 7.21 -9.51
C LEU A 89 -1.03 8.03 -8.28
N ILE A 90 -0.76 7.31 -7.19
CA ILE A 90 -0.24 7.90 -5.97
C ILE A 90 1.20 7.42 -5.75
N VAL A 91 2.13 8.35 -5.87
CA VAL A 91 3.53 8.00 -5.98
C VAL A 91 4.37 8.59 -4.87
N ASP A 92 4.98 7.72 -4.08
CA ASP A 92 5.91 8.09 -3.02
C ASP A 92 7.26 8.38 -3.67
N ARG A 93 7.73 9.62 -3.60
CA ARG A 93 8.96 10.08 -4.28
C ARG A 93 8.98 9.95 -5.80
N TYR A 94 9.67 10.84 -6.47
CA TYR A 94 9.72 10.85 -7.93
C TYR A 94 10.93 11.63 -8.47
N ALA A 95 10.82 12.11 -9.70
CA ALA A 95 11.86 12.94 -10.30
C ALA A 95 12.52 13.89 -9.31
N PHE A 96 11.71 14.56 -8.50
CA PHE A 96 12.23 15.61 -7.61
C PHE A 96 13.09 15.04 -6.49
N SER A 97 12.70 13.89 -5.95
CA SER A 97 13.57 13.20 -5.01
C SER A 97 14.96 13.05 -5.65
N GLY A 98 14.97 12.70 -6.94
CA GLY A 98 16.19 12.55 -7.70
C GLY A 98 17.03 13.82 -7.74
N VAL A 99 16.49 14.87 -8.35
CA VAL A 99 17.22 16.11 -8.53
C VAL A 99 17.66 16.74 -7.22
N ALA A 100 16.79 16.77 -6.22
CA ALA A 100 17.10 17.44 -4.96
C ALA A 100 18.21 16.73 -4.20
N TYR A 101 18.17 15.41 -4.24
CA TYR A 101 19.14 14.62 -3.52
C TYR A 101 20.45 14.57 -4.30
N ALA A 102 20.37 14.45 -5.61
CA ALA A 102 21.57 14.49 -6.46
C ALA A 102 22.25 15.86 -6.36
N ALA A 103 21.45 16.93 -6.41
CA ALA A 103 21.95 18.28 -6.37
C ALA A 103 22.52 18.66 -5.00
N ALA A 104 21.94 18.10 -3.94
CA ALA A 104 22.42 18.33 -2.59
C ALA A 104 23.84 17.79 -2.43
N LYS A 105 24.13 16.73 -3.20
CA LYS A 105 25.45 16.09 -3.23
C LYS A 105 26.41 16.76 -4.22
N GLY A 106 26.09 17.97 -4.64
CA GLY A 106 26.99 18.69 -5.49
C GLY A 106 26.81 18.53 -6.98
N ALA A 107 25.77 17.84 -7.39
CA ALA A 107 25.52 17.70 -8.83
C ALA A 107 24.80 18.92 -9.41
N SER A 108 24.86 19.06 -10.72
CA SER A 108 24.22 20.17 -11.42
C SER A 108 22.75 19.93 -11.48
N MET A 109 22.00 20.90 -10.97
CA MET A 109 20.53 20.89 -10.96
C MET A 109 19.89 20.84 -12.36
N THR A 110 20.47 21.55 -13.32
CA THR A 110 19.94 21.53 -14.68
C THR A 110 20.27 20.20 -15.36
N LEU A 111 21.41 19.63 -15.02
CA LEU A 111 21.80 18.33 -15.53
C LEU A 111 20.97 17.18 -14.91
N SER A 112 20.72 17.24 -13.61
CA SER A 112 19.91 16.23 -12.97
C SER A 112 18.56 16.22 -13.66
N LYS A 113 18.09 17.41 -13.98
CA LYS A 113 16.76 17.55 -14.57
C LYS A 113 16.73 16.90 -15.93
N SER A 114 17.67 17.26 -16.80
CA SER A 114 17.78 16.63 -18.10
C SER A 114 17.53 15.11 -18.09
N TYR A 115 18.08 14.38 -17.12
CA TYR A 115 17.92 12.93 -17.09
C TYR A 115 16.47 12.52 -16.85
N GLU A 116 15.75 13.28 -16.01
CA GLU A 116 14.34 13.02 -15.75
C GLU A 116 13.45 13.51 -16.91
N SER A 117 13.99 14.43 -17.69
CA SER A 117 13.24 15.12 -18.74
C SER A 117 12.63 14.11 -19.67
N GLY A 118 11.30 14.04 -19.70
CA GLY A 118 10.62 13.09 -20.56
C GLY A 118 9.60 12.25 -19.81
N LEU A 119 9.81 12.05 -18.51
CA LEU A 119 8.87 11.26 -17.72
C LEU A 119 7.49 11.89 -17.72
N PRO A 120 6.46 11.07 -17.45
CA PRO A 120 5.10 11.53 -17.15
C PRO A 120 5.08 12.69 -16.14
N LYS A 121 4.35 13.76 -16.47
CA LYS A 121 4.32 14.96 -15.66
C LYS A 121 3.16 14.93 -14.67
N PRO A 122 3.47 15.11 -13.37
CA PRO A 122 2.50 15.15 -12.26
C PRO A 122 1.49 16.27 -12.38
N ASP A 123 0.30 16.06 -11.84
CA ASP A 123 -0.77 17.05 -11.91
C ASP A 123 -0.81 17.74 -10.58
N LEU A 124 -0.12 17.17 -9.63
CA LEU A 124 -0.21 17.65 -8.28
C LEU A 124 0.98 17.06 -7.58
N VAL A 125 1.73 17.90 -6.88
CA VAL A 125 2.86 17.40 -6.11
C VAL A 125 2.74 17.82 -4.65
N ILE A 126 2.48 16.87 -3.78
CA ILE A 126 2.23 17.26 -2.41
C ILE A 126 3.51 17.16 -1.60
N PHE A 127 3.97 18.32 -1.16
CA PHE A 127 5.21 18.40 -0.41
C PHE A 127 4.90 18.48 1.08
N LEU A 128 5.47 17.56 1.84
CA LEU A 128 5.26 17.53 3.28
C LEU A 128 6.40 18.22 4.02
N GLU A 129 6.10 19.35 4.68
CA GLU A 129 7.11 20.00 5.52
C GLU A 129 7.45 19.15 6.74
N SER A 130 8.72 19.17 7.12
CA SER A 130 9.16 18.51 8.35
C SER A 130 9.53 19.58 9.38
N GLY A 131 8.88 19.55 10.54
CA GLY A 131 9.19 20.51 11.59
C GLY A 131 10.29 20.03 12.49
N SER A 132 10.21 20.39 13.78
CA SER A 132 11.20 19.97 14.77
C SER A 132 11.26 18.44 14.92
N LYS A 133 10.23 17.87 15.53
CA LYS A 133 10.24 16.45 15.88
C LYS A 133 10.26 15.54 14.66
N GLU A 134 10.41 16.11 13.47
CA GLU A 134 10.46 15.31 12.24
C GLU A 134 11.84 15.27 11.59
N ILE A 135 12.47 16.42 11.43
CA ILE A 135 13.83 16.43 10.92
C ILE A 135 14.71 15.63 11.86
N ASN A 136 14.57 15.91 13.16
CA ASN A 136 15.39 15.24 14.16
C ASN A 136 14.97 13.80 14.39
N ARG A 137 14.13 13.31 13.49
CA ARG A 137 13.77 11.89 13.47
C ARG A 137 14.85 11.09 12.75
N ASN A 138 15.65 11.81 11.95
CA ASN A 138 16.70 11.21 11.13
C ASN A 138 17.92 10.74 11.91
N VAL A 139 18.01 9.43 12.12
CA VAL A 139 19.07 8.85 12.94
C VAL A 139 20.04 7.95 12.15
N GLY A 140 20.13 8.21 10.85
CA GLY A 140 21.14 7.56 10.01
C GLY A 140 21.10 6.05 9.92
N GLU A 141 19.91 5.45 10.05
CA GLU A 141 19.80 4.01 9.81
C GLU A 141 20.02 3.76 8.33
N GLU A 142 19.71 4.76 7.49
CA GLU A 142 20.03 4.68 6.07
C GLU A 142 20.94 5.80 5.60
N ILE A 143 21.46 5.70 4.38
CA ILE A 143 22.61 6.52 4.02
C ILE A 143 22.35 8.05 4.05
N TYR A 144 21.28 8.50 3.43
CA TYR A 144 21.02 9.92 3.40
C TYR A 144 20.34 10.46 4.65
N GLU A 145 20.05 9.56 5.61
CA GLU A 145 19.36 9.97 6.84
C GLU A 145 20.22 10.74 7.87
N ASP A 146 20.66 11.91 7.46
CA ASP A 146 21.48 12.76 8.30
C ASP A 146 20.98 14.20 8.25
N VAL A 147 20.64 14.69 9.43
CA VAL A 147 20.08 16.02 9.67
C VAL A 147 20.76 17.12 8.89
N THR A 148 22.08 17.16 8.93
CA THR A 148 22.84 18.21 8.26
C THR A 148 22.70 18.11 6.73
N PHE A 149 22.59 16.89 6.22
CA PHE A 149 22.46 16.69 4.77
C PHE A 149 21.03 17.02 4.28
N GLN A 150 20.03 16.54 5.02
CA GLN A 150 18.63 16.84 4.71
C GLN A 150 18.37 18.35 4.60
N GLN A 151 18.95 19.12 5.51
CA GLN A 151 18.86 20.58 5.45
C GLN A 151 19.33 21.08 4.08
N LYS A 152 20.28 20.34 3.51
CA LYS A 152 20.84 20.67 2.20
C LYS A 152 19.89 20.30 1.04
N VAL A 153 19.25 19.13 1.15
CA VAL A 153 18.27 18.70 0.16
C VAL A 153 17.14 19.72 0.07
N LEU A 154 16.72 20.21 1.25
CA LEU A 154 15.61 21.12 1.40
C LEU A 154 15.84 22.41 0.63
N GLN A 155 17.09 22.86 0.62
CA GLN A 155 17.49 24.01 -0.17
C GLN A 155 17.18 23.79 -1.63
N GLU A 156 17.41 22.58 -2.10
CA GLU A 156 17.20 22.23 -3.50
C GLU A 156 15.71 22.03 -3.82
N TYR A 157 14.95 21.54 -2.84
CA TYR A 157 13.51 21.36 -3.01
C TYR A 157 12.86 22.73 -3.17
N LYS A 158 13.10 23.60 -2.19
CA LYS A 158 12.57 24.96 -2.23
C LYS A 158 12.85 25.64 -3.58
N LYS A 159 14.07 25.51 -4.09
CA LYS A 159 14.45 26.07 -5.39
C LYS A 159 13.49 25.66 -6.49
N MET A 160 13.19 24.37 -6.56
CA MET A 160 12.34 23.81 -7.61
C MET A 160 10.89 24.21 -7.51
N ILE A 161 10.41 24.32 -6.28
CA ILE A 161 9.08 24.83 -6.03
C ILE A 161 8.95 26.22 -6.64
N GLU A 162 9.89 27.09 -6.28
CA GLU A 162 9.84 28.49 -6.74
C GLU A 162 9.84 28.62 -8.26
N GLU A 163 10.21 27.53 -8.94
CA GLU A 163 10.26 27.49 -10.40
C GLU A 163 8.89 27.20 -10.98
N GLY A 164 7.94 26.94 -10.10
CA GLY A 164 6.65 26.37 -10.43
C GLY A 164 6.10 26.45 -11.84
N ASP A 165 6.36 25.40 -12.61
CA ASP A 165 5.62 25.15 -13.84
C ASP A 165 4.84 23.90 -13.49
N ILE A 166 5.05 23.46 -12.26
CA ILE A 166 4.46 22.24 -11.73
C ILE A 166 3.49 22.63 -10.63
N HIS A 167 2.32 22.00 -10.61
CA HIS A 167 1.35 22.29 -9.54
C HIS A 167 1.76 21.66 -8.20
N TRP A 168 2.23 22.51 -7.29
CA TRP A 168 2.66 22.07 -5.96
C TRP A 168 1.64 22.43 -4.84
N GLN A 169 1.42 21.51 -3.92
CA GLN A 169 0.71 21.84 -2.68
C GLN A 169 1.57 21.56 -1.45
N ILE A 170 1.95 22.62 -0.76
CA ILE A 170 2.85 22.51 0.39
C ILE A 170 2.11 22.37 1.73
N ILE A 171 2.25 21.23 2.36
CA ILE A 171 1.53 21.03 3.60
C ILE A 171 2.36 21.28 4.85
N SER A 172 1.93 22.26 5.65
CA SER A 172 2.64 22.63 6.87
C SER A 172 2.88 21.47 7.82
N SER A 173 3.98 21.59 8.55
CA SER A 173 4.37 20.63 9.57
C SER A 173 3.44 20.69 10.78
N GLU A 174 2.83 21.87 10.97
CA GLU A 174 2.12 22.21 12.19
C GLU A 174 0.67 21.74 12.28
N PHE A 175 0.15 21.11 11.23
CA PHE A 175 -1.19 20.57 11.29
C PHE A 175 -1.29 19.36 12.21
N GLU A 176 -2.51 19.02 12.59
CA GLU A 176 -2.74 17.88 13.45
C GLU A 176 -2.94 16.64 12.58
N GLU A 177 -2.39 15.51 13.02
CA GLU A 177 -2.49 14.27 12.23
C GLU A 177 -3.82 14.03 11.46
N ASP A 178 -4.93 13.98 12.20
CA ASP A 178 -6.26 13.73 11.62
C ASP A 178 -6.70 14.84 10.67
N VAL A 179 -6.24 16.06 10.94
CA VAL A 179 -6.56 17.23 10.14
C VAL A 179 -5.75 17.30 8.85
N LYS A 180 -4.47 16.93 8.96
CA LYS A 180 -3.57 16.81 7.82
C LYS A 180 -4.17 15.75 6.90
N LYS A 181 -4.45 14.58 7.49
CA LYS A 181 -5.08 13.49 6.77
C LYS A 181 -6.31 13.95 5.98
N GLU A 182 -7.19 14.71 6.63
CA GLU A 182 -8.40 15.22 6.00
C GLU A 182 -8.09 16.20 4.88
N LEU A 183 -7.20 17.15 5.15
CA LEU A 183 -6.85 18.19 4.21
C LEU A 183 -6.30 17.62 2.92
N ILE A 184 -5.31 16.74 3.04
CA ILE A 184 -4.72 16.06 1.88
C ILE A 184 -5.80 15.29 1.09
N LYS A 185 -6.51 14.42 1.79
CA LYS A 185 -7.64 13.66 1.24
C LYS A 185 -8.56 14.53 0.40
N ASN A 186 -8.71 15.78 0.80
CA ASN A 186 -9.55 16.70 0.03
C ASN A 186 -8.93 17.26 -1.25
N ILE A 187 -7.65 17.62 -1.21
CA ILE A 187 -7.01 18.11 -2.43
C ILE A 187 -6.81 16.94 -3.39
N VAL A 188 -6.60 15.75 -2.83
CA VAL A 188 -6.39 14.60 -3.69
C VAL A 188 -7.63 14.31 -4.53
N ILE A 189 -8.77 14.12 -3.87
CA ILE A 189 -10.00 13.82 -4.62
C ILE A 189 -10.33 14.95 -5.59
N GLU A 190 -9.92 16.17 -5.26
CA GLU A 190 -10.17 17.24 -6.20
C GLU A 190 -9.28 17.14 -7.44
N ALA A 191 -7.99 16.92 -7.22
CA ALA A 191 -7.06 16.71 -8.33
C ALA A 191 -7.65 15.69 -9.30
N ILE A 192 -8.35 14.70 -8.76
CA ILE A 192 -8.86 13.58 -9.55
C ILE A 192 -10.11 13.88 -10.38
N HIS A 193 -11.03 14.70 -9.85
CA HIS A 193 -12.21 15.04 -10.63
C HIS A 193 -11.92 16.17 -11.61
N THR A 194 -10.99 17.04 -11.26
CA THR A 194 -10.67 18.20 -12.08
C THR A 194 -9.58 17.96 -13.17
N VAL A 195 -9.21 16.72 -13.42
CA VAL A 195 -8.13 16.42 -14.38
C VAL A 195 -8.61 16.36 -15.83
N THR A 196 -7.84 16.93 -16.76
CA THR A 196 -8.16 16.83 -18.20
C THR A 196 -6.95 16.79 -19.12
N GLY A 197 -7.14 16.19 -20.29
CA GLY A 197 -6.20 16.30 -21.38
C GLY A 197 -5.20 15.17 -21.44
N PRO A 198 -4.07 15.41 -22.14
CA PRO A 198 -3.03 14.41 -22.27
C PRO A 198 -2.14 14.42 -21.05
N VAL A 199 -1.52 13.29 -20.74
CA VAL A 199 -0.45 13.26 -19.76
C VAL A 199 0.70 14.17 -20.19
N GLY A 200 1.12 15.08 -19.32
CA GLY A 200 2.22 15.95 -19.65
C GLY A 200 3.57 15.24 -19.58
N GLN A 201 4.59 15.82 -20.22
CA GLN A 201 5.93 15.28 -20.16
C GLN A 201 6.75 16.20 -19.31
N LEU A 202 7.46 15.64 -18.35
CA LEU A 202 8.15 16.46 -17.36
C LEU A 202 9.35 17.22 -17.96
N TRP A 203 9.48 18.48 -17.58
CA TRP A 203 10.61 19.31 -17.94
C TRP A 203 11.01 19.23 -19.41
N MET A 204 10.03 19.31 -20.27
CA MET A 204 10.33 19.41 -21.68
C MET A 204 9.73 20.68 -22.27
N SER B 2 -1.41 -19.03 -16.78
CA SER B 2 -0.35 -18.20 -16.18
C SER B 2 -0.88 -16.88 -15.64
N ARG B 3 -2.03 -16.96 -15.00
CA ARG B 3 -2.60 -15.83 -14.30
C ARG B 3 -1.70 -15.35 -13.15
N GLY B 4 -2.13 -14.30 -12.48
CA GLY B 4 -1.56 -13.94 -11.21
C GLY B 4 -2.07 -14.90 -10.15
N ALA B 5 -1.52 -14.79 -8.94
CA ALA B 5 -1.96 -15.62 -7.84
C ALA B 5 -2.85 -14.78 -6.93
N LEU B 6 -3.87 -15.41 -6.36
CA LEU B 6 -4.69 -14.73 -5.37
C LEU B 6 -4.19 -15.09 -3.99
N ILE B 7 -3.52 -14.14 -3.35
CA ILE B 7 -2.95 -14.38 -2.04
C ILE B 7 -3.69 -13.60 -0.95
N VAL B 8 -4.20 -14.31 0.05
CA VAL B 8 -4.96 -13.64 1.10
C VAL B 8 -4.31 -13.72 2.48
N PHE B 9 -4.23 -12.59 3.16
CA PHE B 9 -3.73 -12.56 4.54
C PHE B 9 -4.91 -12.58 5.52
N GLU B 10 -4.85 -13.47 6.50
CA GLU B 10 -5.83 -13.49 7.59
C GLU B 10 -5.14 -13.51 8.95
N GLY B 11 -5.95 -13.38 10.00
CA GLY B 11 -5.45 -13.35 11.37
C GLY B 11 -6.32 -12.43 12.22
N LEU B 12 -6.08 -12.43 13.54
CA LEU B 12 -6.83 -11.58 14.45
C LEU B 12 -6.45 -10.11 14.19
N ASP B 13 -7.14 -9.18 14.84
CA ASP B 13 -6.71 -7.78 14.79
C ASP B 13 -5.35 -7.65 15.49
N LYS B 14 -4.51 -6.75 14.97
CA LYS B 14 -3.20 -6.51 15.57
C LYS B 14 -2.23 -7.67 15.41
N SER B 15 -2.54 -8.58 14.49
CA SER B 15 -1.64 -9.69 14.18
C SER B 15 -0.59 -9.21 13.19
N GLY B 16 -0.68 -7.95 12.78
CA GLY B 16 0.32 -7.35 11.91
C GLY B 16 0.26 -7.75 10.44
N LYS B 17 -0.90 -8.22 10.00
CA LYS B 17 -1.00 -8.60 8.61
C LYS B 17 -0.85 -7.42 7.66
N THR B 18 -1.19 -6.22 8.14
CA THR B 18 -0.93 -4.99 7.36
C THR B 18 0.60 -4.74 7.15
N THR B 19 1.38 -4.87 8.21
CA THR B 19 2.82 -4.84 8.08
C THR B 19 3.31 -5.79 7.00
N GLN B 20 2.99 -7.07 7.18
CA GLN B 20 3.45 -8.09 6.24
C GLN B 20 2.99 -7.87 4.81
N CYS B 21 1.80 -7.32 4.62
CA CYS B 21 1.38 -6.87 3.30
C CYS B 21 2.31 -5.80 2.78
N MET B 22 2.71 -4.89 3.65
CA MET B 22 3.67 -3.86 3.28
C MET B 22 4.98 -4.46 2.79
N ASN B 23 5.50 -5.47 3.48
CA ASN B 23 6.71 -6.16 3.00
C ASN B 23 6.57 -6.68 1.57
N ILE B 24 5.53 -7.48 1.34
CA ILE B 24 5.34 -8.05 0.02
C ILE B 24 5.31 -6.97 -1.05
N MET B 25 4.69 -5.84 -0.76
CA MET B 25 4.57 -4.76 -1.74
C MET B 25 5.92 -4.10 -2.07
N GLU B 26 6.82 -4.14 -1.10
CA GLU B 26 8.14 -3.59 -1.28
C GLU B 26 9.11 -4.62 -1.89
N SER B 27 8.89 -5.89 -1.58
CA SER B 27 9.73 -6.98 -2.07
C SER B 27 9.48 -7.42 -3.53
N ILE B 28 8.42 -6.91 -4.16
CA ILE B 28 8.07 -7.33 -5.52
C ILE B 28 7.73 -6.14 -6.40
N PRO B 29 8.07 -6.23 -7.68
CA PRO B 29 7.83 -5.10 -8.59
C PRO B 29 6.32 -4.81 -8.80
N ALA B 30 5.97 -3.53 -8.66
CA ALA B 30 4.57 -3.12 -8.59
C ALA B 30 3.85 -3.20 -9.92
N ASN B 31 4.56 -3.38 -11.03
CA ASN B 31 3.86 -3.50 -12.29
C ASN B 31 3.18 -4.86 -12.41
N THR B 32 3.35 -5.71 -11.39
CA THR B 32 2.89 -7.11 -11.46
C THR B 32 1.99 -7.49 -10.29
N ILE B 33 1.89 -6.61 -9.31
CA ILE B 33 1.24 -6.96 -8.07
C ILE B 33 0.28 -5.84 -7.66
N LYS B 34 -0.82 -6.19 -7.00
CA LYS B 34 -1.84 -5.22 -6.57
C LYS B 34 -2.31 -5.45 -5.12
N TYR B 35 -2.25 -4.41 -4.30
CA TYR B 35 -2.69 -4.52 -2.90
C TYR B 35 -4.18 -4.20 -2.70
N LEU B 36 -4.88 -5.08 -2.00
CA LEU B 36 -6.31 -4.90 -1.75
C LEU B 36 -6.65 -5.05 -0.27
N ASN B 37 -7.07 -3.96 0.38
CA ASN B 37 -7.52 -4.05 1.79
C ASN B 37 -9.03 -4.29 1.91
N PHE B 38 -9.42 -5.12 2.86
CA PHE B 38 -10.82 -5.26 3.24
C PHE B 38 -10.99 -5.06 4.75
N PRO B 39 -12.02 -4.32 5.15
CA PRO B 39 -13.01 -3.79 4.22
C PRO B 39 -12.53 -2.55 3.48
N GLN B 40 -13.19 -2.33 2.37
CA GLN B 40 -12.89 -1.26 1.47
C GLN B 40 -13.77 -0.11 1.93
N ARG B 41 -13.31 0.65 2.93
CA ARG B 41 -14.17 1.61 3.66
C ARG B 41 -14.59 2.83 2.85
N SER B 42 -14.12 2.92 1.62
CA SER B 42 -14.41 4.08 0.82
C SER B 42 -15.82 3.98 0.19
N THR B 43 -16.22 2.77 -0.17
CA THR B 43 -17.48 2.54 -0.91
C THR B 43 -18.72 2.92 -0.11
N VAL B 44 -19.89 2.63 -0.69
CA VAL B 44 -21.15 2.89 -0.01
C VAL B 44 -21.32 1.96 1.19
N THR B 45 -20.98 0.69 0.98
CA THR B 45 -21.05 -0.29 2.04
C THR B 45 -19.84 -0.13 2.96
N GLY B 46 -18.83 0.56 2.45
CA GLY B 46 -17.65 0.83 3.24
C GLY B 46 -17.93 1.87 4.32
N LYS B 47 -18.46 3.01 3.88
CA LYS B 47 -18.70 4.12 4.81
C LYS B 47 -19.61 3.66 5.93
N MET B 48 -20.56 2.82 5.57
CA MET B 48 -21.45 2.25 6.56
C MET B 48 -20.72 1.32 7.50
N ILE B 49 -19.88 0.44 6.95
CA ILE B 49 -19.04 -0.39 7.80
C ILE B 49 -18.18 0.49 8.72
N ASP B 50 -17.66 1.59 8.18
CA ASP B 50 -16.84 2.47 8.99
C ASP B 50 -17.61 3.02 10.21
N ASP B 51 -18.87 3.43 9.98
CA ASP B 51 -19.72 3.97 11.04
C ASP B 51 -19.93 2.95 12.16
N TYR B 52 -20.08 1.69 11.77
CA TYR B 52 -20.30 0.61 12.73
C TYR B 52 -19.06 0.24 13.56
N LEU B 53 -17.89 0.22 12.92
CA LEU B 53 -16.67 -0.15 13.62
C LEU B 53 -16.24 0.95 14.57
N THR B 54 -16.48 2.21 14.16
CA THR B 54 -16.18 3.38 14.98
C THR B 54 -17.32 3.79 15.94
N ARG B 55 -18.27 2.88 16.16
CA ARG B 55 -19.31 3.08 17.18
C ARG B 55 -20.22 4.30 16.97
N LYS B 56 -20.38 4.77 15.74
CA LYS B 56 -21.24 5.94 15.52
C LYS B 56 -22.52 5.57 14.74
N LYS B 57 -22.86 4.29 14.85
CA LYS B 57 -24.07 3.70 14.30
C LYS B 57 -24.11 2.21 14.67
N THR B 58 -25.29 1.68 14.93
CA THR B 58 -25.42 0.24 15.07
C THR B 58 -26.38 -0.31 14.05
N TYR B 59 -26.30 -1.63 13.87
CA TYR B 59 -27.10 -2.28 12.89
C TYR B 59 -27.40 -3.66 13.44
N ASN B 60 -28.41 -4.33 12.89
CA ASN B 60 -28.60 -5.76 13.09
C ASN B 60 -27.27 -6.48 12.95
N ASP B 61 -26.93 -7.39 13.86
CA ASP B 61 -25.77 -8.27 13.64
C ASP B 61 -25.84 -8.83 12.22
N HIS B 62 -27.03 -9.27 11.85
CA HIS B 62 -27.28 -9.92 10.58
C HIS B 62 -27.10 -8.96 9.41
N ILE B 63 -27.40 -7.69 9.61
CA ILE B 63 -27.19 -6.73 8.54
C ILE B 63 -25.68 -6.48 8.38
N VAL B 64 -24.95 -6.25 9.47
CA VAL B 64 -23.51 -6.03 9.33
C VAL B 64 -22.87 -7.18 8.57
N ASN B 65 -23.33 -8.40 8.86
CA ASN B 65 -22.83 -9.58 8.15
C ASN B 65 -22.91 -9.40 6.63
N LEU B 66 -24.03 -8.86 6.15
CA LEU B 66 -24.21 -8.68 4.70
C LEU B 66 -23.61 -7.38 4.16
N LEU B 67 -23.36 -6.39 5.01
CA LEU B 67 -22.59 -5.22 4.58
C LEU B 67 -21.18 -5.64 4.17
N PHE B 68 -20.58 -6.49 4.98
CA PHE B 68 -19.21 -6.95 4.77
C PHE B 68 -19.12 -7.79 3.53
N CYS B 69 -20.10 -8.68 3.38
CA CYS B 69 -20.14 -9.54 2.22
C CYS B 69 -20.26 -8.68 0.96
N ALA B 70 -21.31 -7.84 0.92
CA ALA B 70 -21.56 -7.01 -0.24
C ALA B 70 -20.34 -6.13 -0.56
N ASN B 71 -19.69 -5.68 0.50
CA ASN B 71 -18.44 -4.95 0.37
C ASN B 71 -17.38 -5.73 -0.46
N ARG B 72 -17.33 -7.05 -0.28
CA ARG B 72 -16.41 -7.89 -1.06
C ARG B 72 -16.88 -8.08 -2.52
N TRP B 73 -18.14 -8.43 -2.71
CA TRP B 73 -18.69 -8.56 -4.07
C TRP B 73 -18.49 -7.38 -5.05
N GLU B 74 -18.51 -6.13 -4.57
CA GLU B 74 -18.21 -4.99 -5.46
C GLU B 74 -16.92 -5.23 -6.24
N PHE B 75 -16.04 -6.01 -5.64
CA PHE B 75 -14.69 -6.13 -6.15
C PHE B 75 -14.41 -7.50 -6.76
N ALA B 76 -15.39 -8.40 -6.69
CA ALA B 76 -15.20 -9.73 -7.25
C ALA B 76 -14.90 -9.68 -8.76
N SER B 77 -15.54 -8.76 -9.47
CA SER B 77 -15.24 -8.53 -10.88
C SER B 77 -13.80 -8.12 -11.07
N PHE B 78 -13.40 -7.09 -10.32
CA PHE B 78 -12.05 -6.54 -10.35
C PHE B 78 -10.99 -7.60 -10.06
N ILE B 79 -11.18 -8.37 -8.99
CA ILE B 79 -10.24 -9.41 -8.64
C ILE B 79 -10.00 -10.33 -9.83
N GLN B 80 -11.09 -10.99 -10.27
CA GLN B 80 -11.11 -11.84 -11.46
C GLN B 80 -10.35 -11.22 -12.65
N GLU B 81 -10.70 -9.99 -13.01
CA GLU B 81 -10.06 -9.32 -14.14
C GLU B 81 -8.54 -9.20 -14.02
N GLN B 82 -8.07 -8.75 -12.85
CA GLN B 82 -6.64 -8.62 -12.60
C GLN B 82 -5.88 -9.94 -12.69
N LEU B 83 -6.38 -10.96 -12.00
CA LEU B 83 -5.72 -12.26 -12.05
C LEU B 83 -5.56 -12.72 -13.50
N GLU B 84 -6.64 -12.68 -14.26
CA GLU B 84 -6.58 -13.02 -15.68
C GLU B 84 -5.54 -12.17 -16.43
N GLN B 85 -5.45 -10.89 -16.09
CA GLN B 85 -4.49 -9.97 -16.71
C GLN B 85 -3.10 -10.17 -16.17
N GLY B 86 -2.90 -11.25 -15.42
CA GLY B 86 -1.57 -11.62 -15.00
C GLY B 86 -1.05 -10.92 -13.75
N ILE B 87 -1.86 -10.03 -13.17
CA ILE B 87 -1.50 -9.40 -11.89
C ILE B 87 -1.86 -10.28 -10.69
N THR B 88 -0.92 -10.40 -9.77
CA THR B 88 -1.10 -11.13 -8.53
C THR B 88 -1.77 -10.22 -7.47
N LEU B 89 -2.65 -10.81 -6.67
CA LEU B 89 -3.42 -10.02 -5.71
C LEU B 89 -3.01 -10.32 -4.31
N ILE B 90 -2.65 -9.26 -3.60
CA ILE B 90 -2.32 -9.35 -2.17
C ILE B 90 -3.42 -8.68 -1.34
N VAL B 91 -4.19 -9.51 -0.65
CA VAL B 91 -5.42 -9.08 -0.02
C VAL B 91 -5.38 -9.21 1.48
N ASP B 92 -5.58 -8.08 2.14
CA ASP B 92 -5.75 -7.97 3.60
C ASP B 92 -7.20 -8.31 3.94
N ARG B 93 -7.41 -9.44 4.63
CA ARG B 93 -8.76 -9.94 5.00
C ARG B 93 -9.62 -10.27 3.81
N TYR B 94 -10.48 -11.28 3.96
CA TYR B 94 -11.29 -11.77 2.85
C TYR B 94 -12.49 -12.53 3.41
N ALA B 95 -13.04 -13.44 2.57
CA ALA B 95 -14.16 -14.30 2.94
C ALA B 95 -14.09 -14.82 4.37
N PHE B 96 -12.92 -15.29 4.77
CA PHE B 96 -12.75 -15.88 6.08
C PHE B 96 -12.89 -14.87 7.22
N SER B 97 -12.37 -13.67 7.03
CA SER B 97 -12.62 -12.63 8.03
C SER B 97 -14.14 -12.56 8.26
N GLY B 98 -14.89 -12.68 7.16
CA GLY B 98 -16.33 -12.65 7.21
C GLY B 98 -16.91 -13.74 8.07
N VAL B 99 -16.71 -14.98 7.64
CA VAL B 99 -17.26 -16.14 8.33
C VAL B 99 -16.84 -16.25 9.81
N ALA B 100 -15.55 -16.06 10.09
CA ALA B 100 -15.05 -16.24 11.45
C ALA B 100 -15.60 -15.21 12.40
N TYR B 101 -15.69 -13.97 11.94
CA TYR B 101 -16.22 -12.90 12.75
C TYR B 101 -17.76 -13.01 12.85
N ALA B 102 -18.41 -13.34 11.74
CA ALA B 102 -19.86 -13.53 11.78
C ALA B 102 -20.24 -14.70 12.69
N ALA B 103 -19.48 -15.78 12.58
CA ALA B 103 -19.75 -16.98 13.34
C ALA B 103 -19.43 -16.79 14.83
N ALA B 104 -18.45 -15.95 15.12
CA ALA B 104 -18.06 -15.72 16.50
C ALA B 104 -19.18 -15.03 17.24
N LYS B 105 -19.93 -14.23 16.49
CA LYS B 105 -21.09 -13.48 16.96
C LYS B 105 -22.37 -14.33 16.98
N GLY B 106 -22.22 -15.64 16.94
CA GLY B 106 -23.36 -16.53 16.98
C GLY B 106 -24.03 -16.92 15.68
N ALA B 107 -23.51 -16.48 14.53
CA ALA B 107 -24.13 -16.84 13.28
C ALA B 107 -23.77 -18.27 12.85
N SER B 108 -24.52 -18.82 11.90
CA SER B 108 -24.26 -20.14 11.37
C SER B 108 -23.08 -20.10 10.43
N MET B 109 -22.08 -20.93 10.72
CA MET B 109 -20.86 -21.05 9.92
C MET B 109 -21.14 -21.48 8.48
N THR B 110 -22.08 -22.38 8.29
CA THR B 110 -22.41 -22.89 6.96
C THR B 110 -23.21 -21.86 6.17
N LEU B 111 -24.02 -21.10 6.88
CA LEU B 111 -24.75 -20.00 6.27
C LEU B 111 -23.84 -18.81 5.90
N SER B 112 -22.92 -18.45 6.79
CA SER B 112 -21.99 -17.38 6.48
C SER B 112 -21.26 -17.76 5.20
N LYS B 113 -20.91 -19.04 5.09
CA LYS B 113 -20.14 -19.51 3.95
C LYS B 113 -20.97 -19.35 2.67
N SER B 114 -22.18 -19.86 2.68
CA SER B 114 -23.05 -19.70 1.53
C SER B 114 -23.01 -18.30 0.89
N TYR B 115 -23.04 -17.23 1.70
CA TYR B 115 -22.97 -15.87 1.15
C TYR B 115 -21.68 -15.56 0.39
N GLU B 116 -20.55 -16.07 0.89
CA GLU B 116 -19.25 -15.90 0.22
C GLU B 116 -19.13 -16.83 -0.97
N SER B 117 -19.88 -17.93 -0.94
CA SER B 117 -19.83 -18.96 -1.97
C SER B 117 -19.96 -18.36 -3.37
N GLY B 118 -18.90 -18.50 -4.17
CA GLY B 118 -18.93 -17.90 -5.49
C GLY B 118 -17.76 -16.97 -5.78
N LEU B 119 -17.20 -16.36 -4.74
CA LEU B 119 -16.05 -15.45 -4.90
C LEU B 119 -14.81 -16.18 -5.42
N PRO B 120 -13.91 -15.44 -6.07
CA PRO B 120 -12.60 -15.95 -6.48
C PRO B 120 -11.94 -16.70 -5.33
N LYS B 121 -11.36 -17.86 -5.64
CA LYS B 121 -10.77 -18.73 -4.63
C LYS B 121 -9.26 -18.49 -4.58
N PRO B 122 -8.74 -18.18 -3.38
CA PRO B 122 -7.33 -17.95 -3.06
C PRO B 122 -6.48 -19.17 -3.33
N ASP B 123 -5.21 -18.93 -3.67
CA ASP B 123 -4.25 -20.01 -3.97
C ASP B 123 -3.41 -20.24 -2.74
N LEU B 124 -3.48 -19.28 -1.83
CA LEU B 124 -2.63 -19.26 -0.67
C LEU B 124 -3.30 -18.38 0.35
N VAL B 125 -3.46 -18.88 1.55
CA VAL B 125 -4.01 -18.04 2.60
C VAL B 125 -3.04 -17.99 3.78
N ILE B 126 -2.45 -16.84 4.00
CA ILE B 126 -1.44 -16.76 5.02
C ILE B 126 -2.08 -16.28 6.30
N PHE B 127 -2.11 -17.18 7.28
CA PHE B 127 -2.66 -16.88 8.58
C PHE B 127 -1.55 -16.50 9.57
N LEU B 128 -1.69 -15.32 10.18
CA LEU B 128 -0.72 -14.84 11.14
C LEU B 128 -1.17 -15.11 12.57
N GLU B 129 -0.46 -16.00 13.25
CA GLU B 129 -0.71 -16.23 14.67
C GLU B 129 -0.40 -14.99 15.52
N SER B 130 -1.24 -14.74 16.52
CA SER B 130 -0.99 -13.68 17.51
C SER B 130 -0.61 -14.30 18.86
N GLY B 131 0.58 -13.97 19.36
CA GLY B 131 1.02 -14.47 20.64
C GLY B 131 0.55 -13.62 21.80
N SER B 132 1.36 -13.54 22.85
CA SER B 132 1.06 -12.72 24.02
C SER B 132 0.93 -11.24 23.65
N LYS B 133 2.06 -10.61 23.36
CA LYS B 133 2.11 -9.16 23.15
C LYS B 133 1.32 -8.70 21.93
N GLU B 134 0.58 -9.61 21.30
CA GLU B 134 -0.21 -9.24 20.13
C GLU B 134 -1.71 -9.28 20.38
N ILE B 135 -2.21 -10.34 21.01
CA ILE B 135 -3.62 -10.37 21.37
C ILE B 135 -3.91 -9.20 22.30
N ASN B 136 -3.05 -9.06 23.32
CA ASN B 136 -3.22 -8.00 24.32
C ASN B 136 -2.88 -6.63 23.78
N ARG B 137 -2.74 -6.55 22.46
CA ARG B 137 -2.60 -5.28 21.79
C ARG B 137 -3.98 -4.67 21.54
N ASN B 138 -5.01 -5.51 21.64
CA ASN B 138 -6.39 -5.10 21.39
C ASN B 138 -6.99 -4.26 22.53
N VAL B 139 -7.11 -2.95 22.30
CA VAL B 139 -7.57 -2.04 23.33
C VAL B 139 -8.91 -1.36 22.98
N GLY B 140 -9.67 -1.99 22.10
CA GLY B 140 -11.03 -1.55 21.84
C GLY B 140 -11.22 -0.19 21.22
N GLU B 141 -10.24 0.30 20.47
CA GLU B 141 -10.44 1.55 19.75
C GLU B 141 -11.47 1.34 18.65
N GLU B 142 -11.62 0.10 18.20
CA GLU B 142 -12.68 -0.24 17.26
C GLU B 142 -13.55 -1.37 17.78
N ILE B 143 -14.66 -1.64 17.09
CA ILE B 143 -15.72 -2.42 17.72
C ILE B 143 -15.36 -3.87 18.09
N TYR B 144 -14.71 -4.60 17.19
CA TYR B 144 -14.37 -5.99 17.49
C TYR B 144 -13.08 -6.11 18.28
N GLU B 145 -12.43 -4.99 18.55
CA GLU B 145 -11.13 -5.03 19.24
C GLU B 145 -11.22 -5.33 20.75
N ASP B 146 -11.68 -6.53 21.06
CA ASP B 146 -11.74 -6.98 22.43
C ASP B 146 -11.19 -8.39 22.60
N VAL B 147 -10.14 -8.50 23.40
CA VAL B 147 -9.48 -9.75 23.73
C VAL B 147 -10.40 -10.98 23.89
N THR B 148 -11.42 -10.87 24.73
CA THR B 148 -12.32 -12.00 24.96
C THR B 148 -13.10 -12.39 23.70
N PHE B 149 -13.40 -11.42 22.85
CA PHE B 149 -14.11 -11.73 21.60
C PHE B 149 -13.19 -12.33 20.53
N GLN B 150 -11.97 -11.80 20.43
CA GLN B 150 -10.96 -12.30 19.49
C GLN B 150 -10.64 -13.77 19.75
N GLN B 151 -10.53 -14.13 21.02
CA GLN B 151 -10.38 -15.54 21.40
C GLN B 151 -11.48 -16.43 20.80
N LYS B 152 -12.66 -15.84 20.63
CA LYS B 152 -13.79 -16.53 20.05
C LYS B 152 -13.69 -16.65 18.52
N VAL B 153 -13.22 -15.59 17.87
CA VAL B 153 -13.00 -15.60 16.41
C VAL B 153 -11.99 -16.67 16.02
N LEU B 154 -10.94 -16.76 16.82
CA LEU B 154 -9.88 -17.73 16.62
C LEU B 154 -10.37 -19.17 16.58
N GLN B 155 -11.32 -19.49 17.45
CA GLN B 155 -11.98 -20.80 17.44
C GLN B 155 -12.56 -21.09 16.07
N GLU B 156 -13.16 -20.07 15.47
CA GLU B 156 -13.82 -20.21 14.17
C GLU B 156 -12.79 -20.25 13.03
N TYR B 157 -11.69 -19.53 13.17
CA TYR B 157 -10.59 -19.62 12.20
C TYR B 157 -10.02 -21.05 12.18
N LYS B 158 -9.63 -21.52 13.35
CA LYS B 158 -9.05 -22.86 13.48
C LYS B 158 -9.94 -23.92 12.82
N LYS B 159 -11.24 -23.86 13.10
CA LYS B 159 -12.20 -24.76 12.47
C LYS B 159 -12.04 -24.82 10.93
N MET B 160 -11.99 -23.66 10.29
CA MET B 160 -11.96 -23.57 8.83
C MET B 160 -10.66 -24.06 8.22
N ILE B 161 -9.57 -23.83 8.96
CA ILE B 161 -8.26 -24.35 8.59
C ILE B 161 -8.31 -25.88 8.53
N GLU B 162 -8.79 -26.51 9.61
CA GLU B 162 -8.92 -27.96 9.66
C GLU B 162 -9.78 -28.58 8.55
N GLU B 163 -10.60 -27.77 7.89
CA GLU B 163 -11.43 -28.23 6.78
C GLU B 163 -10.63 -28.28 5.48
N GLY B 164 -9.39 -27.81 5.55
CA GLY B 164 -8.57 -27.51 4.40
C GLY B 164 -8.89 -28.06 3.02
N ASP B 165 -9.70 -27.33 2.26
CA ASP B 165 -9.77 -27.57 0.82
C ASP B 165 -9.07 -26.36 0.24
N ILE B 166 -8.60 -25.52 1.16
CA ILE B 166 -7.93 -24.27 0.83
C ILE B 166 -6.47 -24.37 1.23
N HIS B 167 -5.57 -23.89 0.38
CA HIS B 167 -4.15 -23.90 0.72
C HIS B 167 -3.79 -22.86 1.80
N TRP B 168 -3.61 -23.32 3.03
CA TRP B 168 -3.25 -22.43 4.14
C TRP B 168 -1.78 -22.50 4.54
N GLN B 169 -1.16 -21.35 4.82
CA GLN B 169 0.14 -21.34 5.46
C GLN B 169 0.06 -20.59 6.78
N ILE B 170 0.25 -21.31 7.88
CA ILE B 170 0.18 -20.74 9.22
C ILE B 170 1.53 -20.26 9.78
N ILE B 171 1.65 -18.96 9.98
CA ILE B 171 2.92 -18.43 10.45
C ILE B 171 2.92 -18.15 11.95
N SER B 172 3.81 -18.85 12.66
CA SER B 172 3.95 -18.72 14.11
C SER B 172 4.16 -17.30 14.58
N SER B 173 3.67 -17.03 15.77
CA SER B 173 3.86 -15.77 16.46
C SER B 173 5.32 -15.51 16.86
N GLU B 174 6.05 -16.60 17.04
CA GLU B 174 7.35 -16.58 17.72
C GLU B 174 8.53 -16.28 16.82
N PHE B 175 8.30 -16.10 15.54
CA PHE B 175 9.38 -15.72 14.65
C PHE B 175 9.85 -14.28 14.91
N GLU B 176 11.04 -13.96 14.40
CA GLU B 176 11.60 -12.62 14.56
C GLU B 176 11.23 -11.77 13.35
N GLU B 177 10.93 -10.49 13.59
CA GLU B 177 10.36 -9.64 12.55
C GLU B 177 10.98 -9.79 11.17
N ASP B 178 12.30 -9.68 11.10
CA ASP B 178 13.02 -9.74 9.83
C ASP B 178 12.96 -11.14 9.19
N VAL B 179 12.90 -12.15 10.06
CA VAL B 179 12.82 -13.55 9.66
C VAL B 179 11.44 -13.95 9.18
N LYS B 180 10.41 -13.44 9.86
CA LYS B 180 9.03 -13.59 9.44
C LYS B 180 8.90 -12.96 8.07
N LYS B 181 9.31 -11.70 7.98
CA LYS B 181 9.35 -10.99 6.71
C LYS B 181 9.98 -11.82 5.57
N GLU B 182 11.16 -12.39 5.83
CA GLU B 182 11.84 -13.22 4.85
C GLU B 182 11.06 -14.47 4.48
N LEU B 183 10.55 -15.18 5.49
CA LEU B 183 9.84 -16.42 5.30
C LEU B 183 8.62 -16.23 4.42
N ILE B 184 7.78 -15.25 4.78
CA ILE B 184 6.58 -14.96 4.03
C ILE B 184 6.93 -14.59 2.59
N LYS B 185 7.89 -13.67 2.46
CA LYS B 185 8.39 -13.23 1.17
C LYS B 185 8.71 -14.41 0.29
N ASN B 186 9.23 -15.46 0.91
CA ASN B 186 9.59 -16.67 0.17
C ASN B 186 8.44 -17.53 -0.29
N ILE B 187 7.43 -17.72 0.57
CA ILE B 187 6.28 -18.52 0.17
C ILE B 187 5.48 -17.75 -0.87
N VAL B 188 5.45 -16.44 -0.72
CA VAL B 188 4.67 -15.63 -1.65
C VAL B 188 5.21 -15.77 -3.06
N ILE B 189 6.49 -15.46 -3.27
CA ILE B 189 7.03 -15.53 -4.62
C ILE B 189 6.87 -16.94 -5.18
N GLU B 190 6.85 -17.94 -4.30
CA GLU B 190 6.67 -19.31 -4.79
C GLU B 190 5.23 -19.54 -5.25
N ALA B 191 4.28 -19.16 -4.41
CA ALA B 191 2.90 -19.18 -4.83
C ALA B 191 2.76 -18.58 -6.22
N ILE B 192 3.54 -17.55 -6.51
CA ILE B 192 3.39 -16.83 -7.76
C ILE B 192 3.99 -17.53 -9.00
N HIS B 193 5.10 -18.23 -8.84
CA HIS B 193 5.69 -18.91 -9.99
C HIS B 193 4.99 -20.26 -10.23
N THR B 194 4.51 -20.86 -9.14
CA THR B 194 3.91 -22.18 -9.20
C THR B 194 2.37 -22.20 -9.45
N VAL B 195 1.79 -21.09 -9.90
CA VAL B 195 0.35 -21.02 -10.14
C VAL B 195 -0.05 -21.50 -11.54
N THR B 196 -1.14 -22.26 -11.62
CA THR B 196 -1.72 -22.69 -12.91
C THR B 196 -3.24 -22.85 -12.95
N GLY B 197 -3.79 -22.71 -14.15
CA GLY B 197 -5.17 -23.06 -14.40
C GLY B 197 -6.11 -21.88 -14.28
N PRO B 198 -7.41 -22.19 -14.10
CA PRO B 198 -8.44 -21.18 -13.96
C PRO B 198 -8.50 -20.69 -12.53
N VAL B 199 -8.93 -19.45 -12.34
CA VAL B 199 -9.29 -19.01 -11.00
C VAL B 199 -10.39 -19.89 -10.40
N GLY B 200 -10.15 -20.40 -9.20
CA GLY B 200 -11.16 -21.21 -8.54
C GLY B 200 -12.32 -20.38 -8.02
N GLN B 201 -13.44 -21.04 -7.74
CA GLN B 201 -14.56 -20.35 -7.11
C GLN B 201 -14.69 -20.85 -5.68
N LEU B 202 -14.85 -19.92 -4.74
CA LEU B 202 -14.78 -20.27 -3.34
C LEU B 202 -16.01 -21.05 -2.87
N TRP B 203 -15.75 -22.10 -2.11
CA TRP B 203 -16.78 -22.91 -1.47
C TRP B 203 -17.92 -23.26 -2.39
N MET B 204 -17.59 -23.75 -3.57
CA MET B 204 -18.61 -24.27 -4.45
C MET B 204 -18.31 -25.71 -4.82
#